data_7ROX
#
_entry.id   7ROX
#
_cell.length_a   104.920
_cell.length_b   104.920
_cell.length_c   64.440
_cell.angle_alpha   90.00
_cell.angle_beta   90.00
_cell.angle_gamma   120.00
#
_symmetry.space_group_name_H-M   'P 32 2 1'
#
loop_
_entity.id
_entity.type
_entity.pdbx_description
1 polymer 'Basic phospholipase A2 homolog bothropstoxin-I'
2 non-polymer 12-methoxy-Nb-methylvoachalotine
3 water water
#
_entity_poly.entity_id   1
_entity_poly.type   'polypeptide(L)'
_entity_poly.pdbx_seq_one_letter_code
;SLFELGKMILQETGKNPAKSYGAYGCNCGVLGRGKPKDATDRCCYVHKCCYKKLTGCDPKKDRYSYSWKDKTIVCGENNP
CLKELCECDKAVAICLRENLGTYNKKYRYHLKPFCKKADPC
;
_entity_poly.pdbx_strand_id   A,B
#
loop_
_chem_comp.id
_chem_comp.type
_chem_comp.name
_chem_comp.formula
85O non-polymer 12-methoxy-Nb-methylvoachalotine 'C24 H31 N2 O4 1'
#
# COMPACT_ATOMS: atom_id res chain seq x y z
N SER A 1 -12.84 -4.14 3.92
CA SER A 1 -13.16 -3.53 5.20
C SER A 1 -12.76 -4.43 6.36
N LEU A 2 -13.24 -4.10 7.56
CA LEU A 2 -13.00 -4.95 8.71
C LEU A 2 -13.70 -6.29 8.58
N PHE A 3 -14.85 -6.31 7.89
CA PHE A 3 -15.58 -7.56 7.71
C PHE A 3 -14.82 -8.51 6.80
N GLU A 4 -14.33 -8.02 5.66
CA GLU A 4 -13.57 -8.88 4.75
C GLU A 4 -12.24 -9.27 5.36
N LEU A 5 -11.52 -8.31 5.94
CA LEU A 5 -10.23 -8.61 6.56
C LEU A 5 -10.40 -9.57 7.73
N GLY A 6 -11.42 -9.36 8.57
CA GLY A 6 -11.69 -10.30 9.64
C GLY A 6 -11.99 -11.69 9.13
N LYS A 7 -12.78 -11.79 8.07
CA LYS A 7 -13.06 -13.09 7.47
C LYS A 7 -11.79 -13.76 7.00
N MET A 8 -10.85 -12.98 6.44
CA MET A 8 -9.59 -13.56 5.96
C MET A 8 -8.76 -14.10 7.11
N ILE A 9 -8.67 -13.37 8.21
CA ILE A 9 -7.84 -13.80 9.34
C ILE A 9 -8.35 -15.13 9.90
N LEU A 10 -9.68 -15.24 10.05
CA LEU A 10 -10.24 -16.47 10.59
C LEU A 10 -10.03 -17.64 9.64
N GLN A 11 -10.07 -17.39 8.34
CA GLN A 11 -9.90 -18.49 7.39
C GLN A 11 -8.46 -18.97 7.31
N GLU A 12 -7.49 -18.08 7.55
CA GLU A 12 -6.09 -18.47 7.53
C GLU A 12 -5.62 -18.98 8.88
N THR A 13 -5.95 -18.26 9.96
CA THR A 13 -5.44 -18.59 11.28
C THR A 13 -6.38 -19.47 12.10
N GLY A 14 -7.65 -19.54 11.73
CA GLY A 14 -8.60 -20.30 12.53
C GLY A 14 -8.90 -19.68 13.89
N LYS A 15 -8.62 -18.40 14.06
CA LYS A 15 -8.82 -17.72 15.33
C LYS A 15 -9.79 -16.57 15.15
N ASN A 16 -10.50 -16.23 16.24
CA ASN A 16 -11.38 -15.08 16.24
C ASN A 16 -10.54 -13.83 16.04
N PRO A 17 -10.70 -13.13 14.91
CA PRO A 17 -9.78 -12.02 14.60
C PRO A 17 -9.90 -10.86 15.57
N ALA A 18 -11.11 -10.58 16.07
CA ALA A 18 -11.26 -9.49 17.02
C ALA A 18 -10.62 -9.83 18.36
N LYS A 19 -10.75 -11.09 18.79
CA LYS A 19 -10.18 -11.50 20.07
C LYS A 19 -8.66 -11.50 20.03
N SER A 20 -8.07 -12.07 18.98
CA SER A 20 -6.63 -12.29 18.94
C SER A 20 -5.86 -11.11 18.35
N TYR A 21 -6.43 -10.41 17.37
CA TYR A 21 -5.72 -9.35 16.67
C TYR A 21 -6.50 -8.04 16.67
N GLY A 22 -7.41 -7.84 17.63
CA GLY A 22 -8.12 -6.59 17.71
C GLY A 22 -7.39 -5.49 18.45
N ALA A 23 -6.46 -5.87 19.34
CA ALA A 23 -5.68 -4.90 20.09
C ALA A 23 -4.33 -5.50 20.47
N TYR A 24 -3.72 -6.23 19.54
CA TYR A 24 -2.49 -6.97 19.81
C TYR A 24 -1.28 -6.10 19.51
N GLY A 25 -0.35 -6.05 20.46
CA GLY A 25 0.88 -5.30 20.25
C GLY A 25 0.63 -3.83 20.05
N CYS A 26 1.38 -3.23 19.12
CA CYS A 26 1.28 -1.80 18.84
C CYS A 26 0.61 -1.48 17.52
N ASN A 27 0.37 -2.48 16.66
CA ASN A 27 -0.15 -2.23 15.32
C ASN A 27 -1.41 -3.01 14.97
N CYS A 28 -1.74 -4.07 15.70
CA CYS A 28 -2.97 -4.81 15.43
C CYS A 28 -4.14 -4.12 16.09
N GLY A 29 -5.08 -3.67 15.29
CA GLY A 29 -6.19 -2.87 15.75
C GLY A 29 -6.59 -1.89 14.67
N VAL A 30 -7.70 -1.19 14.94
CA VAL A 30 -8.24 -0.29 13.92
C VAL A 30 -7.81 1.14 14.19
N LEU A 31 -6.77 1.34 15.01
CA LEU A 31 -6.43 2.67 15.51
C LEU A 31 -5.14 3.23 14.94
N GLY A 32 -4.00 2.63 15.25
CA GLY A 32 -2.77 3.24 14.78
C GLY A 32 -1.58 2.30 14.82
N ARG A 33 -0.43 2.89 14.50
CA ARG A 33 0.83 2.18 14.40
C ARG A 33 1.74 2.48 15.59
N GLY A 34 2.74 1.62 15.74
CA GLY A 34 3.76 1.80 16.76
C GLY A 34 4.90 0.85 16.48
N LYS A 35 5.89 0.88 17.37
CA LYS A 35 7.02 -0.02 17.24
C LYS A 35 6.54 -1.47 17.37
N PRO A 36 6.86 -2.35 16.38
CA PRO A 36 6.40 -3.73 16.45
C PRO A 36 6.88 -4.45 17.71
N LYS A 37 5.96 -5.00 18.48
CA LYS A 37 6.36 -5.72 19.69
C LYS A 37 6.92 -7.08 19.36
N ASP A 38 6.37 -7.70 18.32
CA ASP A 38 6.86 -9.02 17.87
C ASP A 38 6.59 -9.24 16.38
N ALA A 39 6.77 -10.46 15.91
CA ALA A 39 6.57 -10.80 14.49
C ALA A 39 5.12 -10.56 14.07
N THR A 40 4.19 -11.04 14.90
CA THR A 40 2.76 -10.88 14.59
C THR A 40 2.43 -9.38 14.47
N ASP A 41 3.10 -8.53 15.24
CA ASP A 41 2.84 -7.07 15.23
C ASP A 41 3.29 -6.45 13.90
N ARG A 42 4.40 -6.93 13.35
CA ARG A 42 4.91 -6.46 12.05
C ARG A 42 3.90 -6.78 10.95
N CYS A 43 3.24 -7.94 11.04
CA CYS A 43 2.17 -8.28 10.08
C CYS A 43 1.19 -7.10 10.05
N CYS A 44 0.75 -6.67 11.23
CA CYS A 44 -0.17 -5.52 11.32
C CYS A 44 0.55 -4.20 10.95
N TYR A 45 1.82 -4.05 11.32
CA TYR A 45 2.62 -2.87 10.93
C TYR A 45 2.68 -2.76 9.40
N VAL A 46 3.05 -3.84 8.71
CA VAL A 46 3.12 -3.87 7.22
C VAL A 46 1.71 -3.62 6.68
N HIS A 47 0.71 -4.21 7.34
CA HIS A 47 -0.71 -4.02 6.94
C HIS A 47 -1.03 -2.52 6.90
N LYS A 48 -0.67 -1.83 7.98
CA LYS A 48 -0.95 -0.39 8.02
C LYS A 48 -0.12 0.36 6.99
N CYS A 49 1.14 -0.06 6.80
CA CYS A 49 1.98 0.54 5.77
C CYS A 49 1.43 0.25 4.38
N CYS A 50 0.89 -0.97 4.19
CA CYS A 50 0.20 -1.28 2.95
C CYS A 50 -0.97 -0.35 2.72
N TYR A 51 -1.69 -0.01 3.79
CA TYR A 51 -2.82 0.90 3.67
C TYR A 51 -2.40 2.29 3.23
N LYS A 52 -1.30 2.80 3.79
CA LYS A 52 -0.90 4.17 3.52
C LYS A 52 -0.54 4.38 2.05
N LYS A 53 -0.22 3.32 1.32
CA LYS A 53 0.02 3.43 -0.11
C LYS A 53 -1.27 3.59 -0.92
N LEU A 54 -2.43 3.44 -0.29
CA LEU A 54 -3.72 3.46 -0.99
C LEU A 54 -4.37 4.83 -0.97
N THR A 55 -3.66 5.86 -0.52
CA THR A 55 -4.24 7.19 -0.44
C THR A 55 -4.68 7.67 -1.82
N GLY A 56 -5.93 8.11 -1.92
CA GLY A 56 -6.53 8.49 -3.17
C GLY A 56 -7.51 7.46 -3.71
N CYS A 57 -7.80 6.41 -2.96
CA CYS A 57 -8.59 5.29 -3.46
C CYS A 57 -10.02 5.28 -2.92
N ASP A 58 -10.60 6.46 -2.70
CA ASP A 58 -11.93 6.64 -2.10
C ASP A 58 -12.04 5.92 -0.78
N PRO A 59 -11.90 6.64 0.34
CA PRO A 59 -11.94 5.96 1.65
C PRO A 59 -13.27 5.27 1.95
N LYS A 60 -14.37 5.74 1.35
CA LYS A 60 -15.67 5.17 1.71
C LYS A 60 -15.86 3.77 1.13
N LYS A 61 -15.23 3.47 0.01
CA LYS A 61 -15.45 2.21 -0.70
C LYS A 61 -14.37 1.22 -0.27
N ASP A 62 -14.68 0.45 0.78
CA ASP A 62 -13.78 -0.58 1.27
C ASP A 62 -14.37 -1.98 1.20
N ARG A 63 -15.58 -2.13 0.67
CA ARG A 63 -16.22 -3.45 0.56
C ARG A 63 -15.83 -4.11 -0.75
N TYR A 64 -15.44 -5.38 -0.67
CA TYR A 64 -15.05 -6.14 -1.84
C TYR A 64 -15.42 -7.60 -1.62
N SER A 65 -15.31 -8.39 -2.68
CA SER A 65 -15.71 -9.79 -2.67
C SER A 65 -14.51 -10.65 -3.05
N TYR A 66 -13.69 -10.98 -2.06
CA TYR A 66 -12.62 -11.94 -2.27
C TYR A 66 -13.19 -13.36 -2.28
N SER A 67 -12.35 -14.32 -2.67
CA SER A 67 -12.75 -15.71 -2.81
C SER A 67 -11.83 -16.62 -2.02
N TRP A 68 -12.40 -17.66 -1.44
CA TRP A 68 -11.69 -18.68 -0.68
C TRP A 68 -11.71 -19.95 -1.52
N LYS A 69 -10.75 -20.07 -2.44
CA LYS A 69 -10.67 -21.18 -3.36
C LYS A 69 -9.41 -22.00 -3.07
N ASP A 70 -9.60 -23.30 -2.88
CA ASP A 70 -8.50 -24.21 -2.54
C ASP A 70 -7.73 -23.71 -1.32
N LYS A 71 -8.46 -23.11 -0.38
CA LYS A 71 -7.90 -22.60 0.87
C LYS A 71 -6.86 -21.50 0.61
N THR A 72 -7.16 -20.62 -0.34
CA THR A 72 -6.33 -19.46 -0.63
C THR A 72 -7.24 -18.27 -0.92
N ILE A 73 -6.93 -17.12 -0.31
CA ILE A 73 -7.64 -15.89 -0.65
C ILE A 73 -7.30 -15.51 -2.09
N VAL A 74 -8.33 -15.18 -2.86
CA VAL A 74 -8.18 -14.76 -4.25
C VAL A 74 -8.87 -13.42 -4.42
N CYS A 75 -8.10 -12.37 -4.66
CA CYS A 75 -8.64 -11.03 -4.87
C CYS A 75 -8.94 -10.86 -6.36
N GLY A 76 -10.23 -10.84 -6.70
CA GLY A 76 -10.63 -10.73 -8.09
C GLY A 76 -11.49 -9.53 -8.39
N GLU A 77 -11.48 -8.55 -7.48
CA GLU A 77 -12.26 -7.34 -7.69
C GLU A 77 -11.64 -6.50 -8.81
N ASN A 78 -12.47 -6.07 -9.75
CA ASN A 78 -11.97 -5.30 -10.89
C ASN A 78 -11.40 -3.97 -10.46
N ASN A 79 -12.02 -3.33 -9.47
CA ASN A 79 -11.53 -2.05 -8.98
C ASN A 79 -10.10 -2.20 -8.47
N PRO A 80 -9.13 -1.52 -9.09
CA PRO A 80 -7.74 -1.69 -8.66
C PRO A 80 -7.52 -1.28 -7.22
N CYS A 81 -8.23 -0.23 -6.76
CA CYS A 81 -8.10 0.18 -5.37
C CYS A 81 -8.69 -0.86 -4.43
N LEU A 82 -9.77 -1.52 -4.84
CA LEU A 82 -10.28 -2.64 -4.07
C LEU A 82 -9.39 -3.87 -4.24
N LYS A 83 -8.74 -4.00 -5.39
CA LYS A 83 -7.80 -5.10 -5.60
C LYS A 83 -6.60 -4.97 -4.67
N GLU A 84 -6.03 -3.76 -4.58
CA GLU A 84 -4.88 -3.55 -3.70
C GLU A 84 -5.28 -3.55 -2.24
N LEU A 85 -6.48 -3.05 -1.93
CA LEU A 85 -6.98 -3.15 -0.56
C LEU A 85 -7.14 -4.60 -0.14
N CYS A 86 -7.67 -5.44 -1.04
CA CYS A 86 -7.81 -6.86 -0.74
C CYS A 86 -6.45 -7.52 -0.52
N GLU A 87 -5.45 -7.13 -1.33
CA GLU A 87 -4.13 -7.70 -1.16
C GLU A 87 -3.46 -7.24 0.14
N CYS A 88 -3.77 -6.02 0.59
CA CYS A 88 -3.28 -5.58 1.90
C CYS A 88 -3.89 -6.43 2.99
N ASP A 89 -5.20 -6.68 2.93
CA ASP A 89 -5.85 -7.54 3.90
C ASP A 89 -5.41 -8.99 3.75
N LYS A 90 -5.18 -9.42 2.51
CA LYS A 90 -4.73 -10.79 2.27
C LYS A 90 -3.34 -11.02 2.86
N ALA A 91 -2.44 -10.05 2.69
CA ALA A 91 -1.05 -10.23 3.13
C ALA A 91 -0.97 -10.40 4.64
N VAL A 92 -1.71 -9.59 5.40
CA VAL A 92 -1.63 -9.68 6.86
C VAL A 92 -2.24 -10.98 7.35
N ALA A 93 -3.33 -11.42 6.73
CA ALA A 93 -3.96 -12.68 7.12
C ALA A 93 -3.01 -13.85 6.95
N ILE A 94 -2.27 -13.86 5.84
CA ILE A 94 -1.22 -14.87 5.65
C ILE A 94 -0.14 -14.72 6.70
N CYS A 95 0.33 -13.48 6.89
CA CYS A 95 1.39 -13.23 7.85
C CYS A 95 0.96 -13.60 9.27
N LEU A 96 -0.28 -13.30 9.63
CA LEU A 96 -0.78 -13.66 10.95
C LEU A 96 -0.78 -15.17 11.15
N ARG A 97 -1.06 -15.93 10.08
CA ARG A 97 -1.02 -17.38 10.18
C ARG A 97 0.41 -17.89 10.27
N GLU A 98 1.31 -17.34 9.46
CA GLU A 98 2.70 -17.80 9.45
C GLU A 98 3.38 -17.56 10.80
N ASN A 99 2.99 -16.50 11.51
CA ASN A 99 3.57 -16.17 12.81
C ASN A 99 2.67 -16.57 13.97
N LEU A 100 1.87 -17.63 13.79
CA LEU A 100 1.04 -18.11 14.88
C LEU A 100 1.85 -18.80 15.97
N GLY A 101 2.99 -19.40 15.59
CA GLY A 101 3.83 -20.05 16.58
C GLY A 101 4.42 -19.07 17.59
N THR A 102 4.67 -17.83 17.16
CA THR A 102 5.26 -16.81 18.01
C THR A 102 4.21 -15.90 18.64
N TYR A 103 2.93 -16.27 18.55
CA TYR A 103 1.87 -15.44 19.10
C TYR A 103 1.93 -15.45 20.62
N ASN A 104 1.88 -14.27 21.23
CA ASN A 104 1.98 -14.11 22.68
C ASN A 104 0.75 -13.40 23.20
N LYS A 105 -0.06 -14.10 24.00
CA LYS A 105 -1.31 -13.52 24.51
C LYS A 105 -1.07 -12.34 25.43
N LYS A 106 0.16 -12.17 25.94
CA LYS A 106 0.48 -11.02 26.76
C LYS A 106 0.24 -9.72 25.98
N TYR A 107 0.60 -9.73 24.70
CA TYR A 107 0.40 -8.55 23.85
C TYR A 107 -1.05 -8.40 23.40
N ARG A 108 -1.89 -9.40 23.67
CA ARG A 108 -3.25 -9.42 23.11
C ARG A 108 -4.05 -8.20 23.55
N TYR A 109 -3.93 -7.81 24.82
CA TYR A 109 -4.53 -6.58 25.34
C TYR A 109 -3.48 -5.83 26.14
N HIS A 110 -3.22 -4.59 25.74
CA HIS A 110 -2.14 -3.77 26.31
C HIS A 110 -2.77 -2.76 27.26
N LEU A 111 -2.77 -3.08 28.56
CA LEU A 111 -3.35 -2.19 29.56
C LEU A 111 -2.52 -0.93 29.72
N LYS A 112 -1.21 -1.08 29.95
CA LYS A 112 -0.37 0.09 30.13
C LYS A 112 0.25 0.52 28.80
N PRO A 113 0.36 1.81 28.54
CA PRO A 113 0.97 2.28 27.28
C PRO A 113 2.45 1.93 27.24
N PHE A 114 2.84 1.14 26.24
CA PHE A 114 4.21 0.69 26.11
C PHE A 114 4.68 0.69 24.66
N CYS A 115 4.13 1.59 23.85
CA CYS A 115 4.41 1.63 22.42
C CYS A 115 5.33 2.80 22.11
N LYS A 116 6.51 2.51 21.58
CA LYS A 116 7.34 3.55 21.02
C LYS A 116 6.72 4.06 19.70
N LYS A 117 7.25 5.18 19.22
CA LYS A 117 6.76 5.75 17.99
C LYS A 117 7.15 4.86 16.80
N ALA A 118 6.26 4.82 15.80
CA ALA A 118 6.46 3.98 14.63
C ALA A 118 7.51 4.56 13.71
N ASP A 119 8.53 3.76 13.38
CA ASP A 119 9.40 4.18 12.29
C ASP A 119 8.63 4.36 10.99
N PRO A 120 9.07 5.30 10.16
CA PRO A 120 8.46 5.49 8.85
C PRO A 120 8.38 4.20 8.06
N CYS A 121 7.26 4.02 7.38
CA CYS A 121 6.99 2.85 6.55
C CYS A 121 8.07 2.63 5.48
N SER B 1 8.35 17.15 -7.55
CA SER B 1 8.49 17.19 -9.01
C SER B 1 8.78 15.81 -9.58
N LEU B 2 9.09 15.77 -10.87
CA LEU B 2 9.50 14.52 -11.50
C LEU B 2 10.92 14.11 -11.10
N PHE B 3 11.73 15.06 -10.61
CA PHE B 3 13.05 14.71 -10.10
C PHE B 3 12.91 13.89 -8.82
N GLU B 4 12.12 14.36 -7.86
CA GLU B 4 11.91 13.61 -6.64
C GLU B 4 11.28 12.26 -6.92
N LEU B 5 10.20 12.26 -7.71
CA LEU B 5 9.52 11.01 -8.06
C LEU B 5 10.49 10.03 -8.72
N GLY B 6 11.27 10.51 -9.69
CA GLY B 6 12.21 9.63 -10.36
C GLY B 6 13.26 9.08 -9.41
N LYS B 7 13.81 9.94 -8.55
CA LYS B 7 14.78 9.48 -7.56
C LYS B 7 14.19 8.41 -6.66
N MET B 8 12.91 8.56 -6.30
CA MET B 8 12.25 7.58 -5.44
C MET B 8 12.17 6.22 -6.12
N ILE B 9 11.67 6.18 -7.36
CA ILE B 9 11.57 4.91 -8.08
C ILE B 9 12.95 4.31 -8.31
N LEU B 10 13.95 5.16 -8.54
CA LEU B 10 15.31 4.66 -8.71
C LEU B 10 15.87 4.13 -7.40
N GLN B 11 15.66 4.86 -6.30
CA GLN B 11 16.16 4.39 -5.01
C GLN B 11 15.42 3.14 -4.54
N GLU B 12 14.13 3.01 -4.88
CA GLU B 12 13.38 1.83 -4.51
C GLU B 12 13.76 0.65 -5.39
N THR B 13 13.54 0.77 -6.70
CA THR B 13 13.67 -0.35 -7.62
C THR B 13 15.08 -0.53 -8.16
N GLY B 14 15.89 0.52 -8.20
CA GLY B 14 17.18 0.45 -8.85
C GLY B 14 17.11 0.49 -10.36
N LYS B 15 15.93 0.70 -10.93
CA LYS B 15 15.73 0.74 -12.36
C LYS B 15 15.63 2.17 -12.86
N ASN B 16 15.86 2.35 -14.16
CA ASN B 16 15.66 3.63 -14.81
C ASN B 16 14.17 3.98 -14.75
N PRO B 17 13.81 5.07 -14.06
CA PRO B 17 12.37 5.38 -13.93
C PRO B 17 11.74 5.79 -15.25
N ALA B 18 12.40 6.63 -16.04
CA ALA B 18 11.83 7.04 -17.32
C ALA B 18 11.82 5.91 -18.33
N LYS B 19 12.80 5.02 -18.27
CA LYS B 19 12.86 3.90 -19.21
C LYS B 19 11.79 2.86 -18.88
N SER B 20 11.69 2.48 -17.61
CA SER B 20 10.80 1.38 -17.24
C SER B 20 9.36 1.86 -17.01
N TYR B 21 9.18 3.08 -16.49
CA TYR B 21 7.88 3.55 -16.06
C TYR B 21 7.45 4.85 -16.74
N GLY B 22 8.23 5.34 -17.70
CA GLY B 22 7.85 6.54 -18.41
C GLY B 22 6.66 6.37 -19.34
N ALA B 23 6.37 5.12 -19.75
CA ALA B 23 5.24 4.86 -20.64
C ALA B 23 4.66 3.46 -20.42
N TYR B 24 4.70 2.96 -19.19
CA TYR B 24 4.30 1.60 -18.89
C TYR B 24 2.78 1.47 -18.75
N GLY B 25 2.23 0.39 -19.29
CA GLY B 25 0.81 0.12 -19.13
C GLY B 25 -0.07 1.24 -19.63
N CYS B 26 -1.12 1.55 -18.86
CA CYS B 26 -2.03 2.63 -19.20
C CYS B 26 -2.22 3.62 -18.05
N ASN B 27 -1.28 3.67 -17.11
CA ASN B 27 -1.34 4.63 -16.02
C ASN B 27 0.03 5.27 -15.79
N CYS B 28 1.11 4.51 -16.00
CA CYS B 28 2.46 5.04 -15.84
C CYS B 28 2.77 5.94 -17.03
N GLY B 29 2.87 7.25 -16.77
CA GLY B 29 3.21 8.21 -17.79
C GLY B 29 2.16 9.31 -17.90
N VAL B 30 1.84 9.67 -19.14
CA VAL B 30 0.90 10.77 -19.38
C VAL B 30 -0.48 10.25 -19.75
N LEU B 31 -1.39 11.19 -20.00
CA LEU B 31 -2.76 10.95 -20.46
C LEU B 31 -3.65 10.28 -19.42
N GLY B 32 -3.45 10.58 -18.14
CA GLY B 32 -4.41 10.14 -17.14
C GLY B 32 -4.36 8.64 -16.87
N ARG B 33 -5.49 8.14 -16.38
CA ARG B 33 -5.61 6.77 -15.90
C ARG B 33 -6.48 5.94 -16.84
N GLY B 34 -6.05 4.70 -17.07
CA GLY B 34 -6.84 3.75 -17.82
C GLY B 34 -6.87 2.42 -17.08
N LYS B 35 -7.65 1.48 -17.63
CA LYS B 35 -7.81 0.17 -17.02
C LYS B 35 -6.45 -0.50 -16.90
N PRO B 36 -5.96 -0.72 -15.68
CA PRO B 36 -4.58 -1.20 -15.50
C PRO B 36 -4.40 -2.60 -16.07
N LYS B 37 -3.18 -2.87 -16.52
CA LYS B 37 -2.85 -4.16 -17.13
C LYS B 37 -2.24 -5.14 -16.13
N ASP B 38 -1.56 -4.65 -15.11
CA ASP B 38 -0.96 -5.54 -14.12
C ASP B 38 -0.81 -4.77 -12.81
N ALA B 39 -0.08 -5.38 -11.86
CA ALA B 39 0.09 -4.76 -10.55
C ALA B 39 0.95 -3.50 -10.64
N THR B 40 2.01 -3.56 -11.46
CA THR B 40 2.85 -2.39 -11.69
C THR B 40 2.02 -1.24 -12.25
N ASP B 41 1.11 -1.54 -13.18
CA ASP B 41 0.22 -0.51 -13.68
C ASP B 41 -0.78 -0.06 -12.62
N ARG B 42 -1.16 -0.97 -11.72
CA ARG B 42 -2.07 -0.59 -10.64
C ARG B 42 -1.42 0.41 -9.70
N CYS B 43 -0.09 0.35 -9.56
CA CYS B 43 0.62 1.32 -8.73
C CYS B 43 0.49 2.73 -9.29
N CYS B 44 0.74 2.87 -10.60
CA CYS B 44 0.55 4.17 -11.24
C CYS B 44 -0.91 4.58 -11.27
N TYR B 45 -1.82 3.61 -11.31
CA TYR B 45 -3.24 3.90 -11.22
C TYR B 45 -3.57 4.60 -9.91
N VAL B 46 -3.14 4.01 -8.79
CA VAL B 46 -3.35 4.63 -7.48
C VAL B 46 -2.56 5.92 -7.36
N HIS B 47 -1.40 5.99 -7.99
CA HIS B 47 -0.56 7.19 -7.90
C HIS B 47 -1.29 8.41 -8.48
N LYS B 48 -1.92 8.26 -9.63
CA LYS B 48 -2.67 9.37 -10.21
C LYS B 48 -3.95 9.63 -9.42
N CYS B 49 -4.55 8.59 -8.85
CA CYS B 49 -5.63 8.78 -7.91
C CYS B 49 -5.16 9.58 -6.70
N CYS B 50 -3.95 9.29 -6.22
CA CYS B 50 -3.37 10.05 -5.13
C CYS B 50 -3.14 11.51 -5.52
N TYR B 51 -2.99 11.79 -6.82
CA TYR B 51 -2.79 13.16 -7.27
C TYR B 51 -4.09 13.95 -7.34
N LYS B 52 -5.22 13.27 -7.55
CA LYS B 52 -6.50 13.96 -7.67
C LYS B 52 -6.89 14.64 -6.37
N LYS B 53 -6.60 14.02 -5.23
CA LYS B 53 -6.93 14.59 -3.93
C LYS B 53 -5.86 15.58 -3.45
N LEU B 54 -5.02 16.08 -4.35
CA LEU B 54 -3.96 17.02 -4.03
C LEU B 54 -4.41 18.43 -4.39
N THR B 55 -4.39 19.34 -3.42
CA THR B 55 -4.81 20.73 -3.59
C THR B 55 -3.80 21.66 -2.93
N GLY B 56 -3.35 22.66 -3.69
CA GLY B 56 -2.39 23.62 -3.21
C GLY B 56 -1.02 23.51 -3.84
N CYS B 57 -0.84 22.65 -4.83
CA CYS B 57 0.48 22.42 -5.41
C CYS B 57 0.40 21.47 -6.58
N ASP B 58 1.27 21.71 -7.55
CA ASP B 58 1.33 20.93 -8.78
C ASP B 58 2.30 19.77 -8.60
N PRO B 59 1.88 18.52 -8.85
CA PRO B 59 2.78 17.38 -8.61
C PRO B 59 3.94 17.32 -9.59
N LYS B 60 3.89 18.05 -10.70
CA LYS B 60 4.87 17.91 -11.75
C LYS B 60 5.95 19.00 -11.74
N LYS B 61 5.80 20.03 -10.91
CA LYS B 61 6.76 21.13 -10.93
C LYS B 61 7.26 21.49 -9.55
N ASP B 62 6.44 21.26 -8.53
CA ASP B 62 6.76 21.71 -7.17
C ASP B 62 7.72 20.74 -6.50
N ARG B 63 8.91 21.24 -6.18
CA ARG B 63 9.97 20.44 -5.58
C ARG B 63 9.79 20.37 -4.07
N TYR B 64 10.02 19.18 -3.53
CA TYR B 64 9.82 18.96 -2.09
C TYR B 64 11.04 18.26 -1.49
N SER B 65 11.09 18.21 -0.16
CA SER B 65 12.24 17.61 0.54
C SER B 65 11.91 16.24 1.14
N TYR B 66 12.70 15.23 0.80
CA TYR B 66 12.60 13.93 1.43
C TYR B 66 14.01 13.41 1.69
N SER B 67 14.12 12.40 2.54
CA SER B 67 15.40 11.80 2.90
C SER B 67 15.33 10.29 2.74
N TRP B 68 16.50 9.66 2.85
CA TRP B 68 16.66 8.21 2.68
C TRP B 68 17.32 7.67 3.95
N LYS B 69 16.51 7.34 4.94
CA LYS B 69 16.96 6.77 6.21
C LYS B 69 16.53 5.32 6.32
N ASP B 70 17.45 4.48 6.80
CA ASP B 70 17.19 3.04 6.99
C ASP B 70 16.64 2.39 5.72
N LYS B 71 17.14 2.85 4.57
CA LYS B 71 16.71 2.34 3.27
C LYS B 71 15.20 2.50 3.09
N THR B 72 14.67 3.59 3.64
CA THR B 72 13.27 3.94 3.47
C THR B 72 13.17 5.39 3.01
N ILE B 73 12.16 5.67 2.20
CA ILE B 73 11.87 7.03 1.80
C ILE B 73 11.18 7.72 2.97
N VAL B 74 11.76 8.82 3.44
CA VAL B 74 11.22 9.58 4.56
C VAL B 74 10.92 10.98 4.07
N CYS B 75 9.64 11.33 4.03
CA CYS B 75 9.21 12.62 3.52
C CYS B 75 9.46 13.71 4.54
N GLY B 76 9.89 14.87 4.07
CA GLY B 76 10.04 16.04 4.94
C GLY B 76 8.71 16.72 5.11
N GLU B 77 8.45 17.30 6.27
CA GLU B 77 7.13 17.90 6.56
C GLU B 77 6.77 18.92 5.48
N ASN B 78 7.68 19.84 5.16
CA ASN B 78 7.44 20.82 4.07
C ASN B 78 6.07 21.46 4.23
N ASN B 79 5.18 21.30 3.25
CA ASN B 79 3.84 21.93 3.28
C ASN B 79 2.79 20.82 3.18
N PRO B 80 1.60 20.94 3.81
CA PRO B 80 0.60 19.86 3.80
C PRO B 80 0.42 19.11 2.47
N CYS B 81 0.09 19.80 1.38
CA CYS B 81 -0.11 19.11 0.10
C CYS B 81 1.21 18.57 -0.44
N LEU B 82 2.29 19.31 -0.21
CA LEU B 82 3.63 18.84 -0.64
C LEU B 82 3.96 17.54 0.09
N LYS B 83 3.67 17.47 1.38
CA LYS B 83 3.84 16.22 2.11
C LYS B 83 2.96 15.12 1.51
N GLU B 84 1.69 15.44 1.24
CA GLU B 84 0.81 14.47 0.58
C GLU B 84 1.30 14.14 -0.81
N LEU B 85 1.88 15.12 -1.52
CA LEU B 85 2.51 14.86 -2.80
C LEU B 85 3.69 13.90 -2.62
N CYS B 86 4.53 14.16 -1.63
CA CYS B 86 5.68 13.28 -1.39
C CYS B 86 5.23 11.88 -1.02
N GLU B 87 4.11 11.77 -0.28
CA GLU B 87 3.60 10.45 0.09
C GLU B 87 3.06 9.70 -1.13
N CYS B 88 2.46 10.42 -2.08
CA CYS B 88 1.98 9.78 -3.30
C CYS B 88 3.14 9.14 -4.07
N ASP B 89 4.24 9.88 -4.22
CA ASP B 89 5.39 9.35 -4.94
C ASP B 89 6.04 8.21 -4.16
N LYS B 90 6.19 8.37 -2.85
CA LYS B 90 6.77 7.31 -2.03
C LYS B 90 5.93 6.04 -2.09
N ALA B 91 4.59 6.20 -2.06
CA ALA B 91 3.71 5.04 -2.12
C ALA B 91 3.90 4.27 -3.42
N VAL B 92 3.90 4.98 -4.55
CA VAL B 92 4.05 4.29 -5.83
C VAL B 92 5.48 3.79 -6.01
N ALA B 93 6.48 4.50 -5.47
CA ALA B 93 7.85 4.03 -5.57
C ALA B 93 8.02 2.72 -4.82
N ILE B 94 7.43 2.62 -3.62
CA ILE B 94 7.40 1.34 -2.92
C ILE B 94 6.56 0.34 -3.69
N CYS B 95 5.44 0.79 -4.25
CA CYS B 95 4.53 -0.12 -4.94
C CYS B 95 5.19 -0.75 -6.16
N LEU B 96 5.93 0.05 -6.93
CA LEU B 96 6.56 -0.47 -8.14
C LEU B 96 7.67 -1.47 -7.81
N ARG B 97 8.40 -1.22 -6.72
CA ARG B 97 9.44 -2.16 -6.31
C ARG B 97 8.83 -3.48 -5.85
N GLU B 98 7.72 -3.41 -5.11
CA GLU B 98 7.10 -4.63 -4.59
C GLU B 98 6.45 -5.47 -5.69
N ASN B 99 6.10 -4.86 -6.82
CA ASN B 99 5.56 -5.59 -7.96
C ASN B 99 6.55 -5.70 -9.11
N LEU B 100 7.85 -5.50 -8.81
CA LEU B 100 8.87 -5.54 -9.85
C LEU B 100 9.04 -6.94 -10.44
N GLY B 101 8.64 -7.99 -9.70
CA GLY B 101 8.69 -9.33 -10.27
C GLY B 101 7.60 -9.55 -11.29
N THR B 102 6.49 -8.82 -11.18
CA THR B 102 5.40 -8.91 -12.14
C THR B 102 5.63 -8.06 -13.38
N TYR B 103 6.79 -7.41 -13.48
CA TYR B 103 7.06 -6.52 -14.61
C TYR B 103 7.22 -7.30 -15.90
N ASN B 104 6.51 -6.84 -16.93
CA ASN B 104 6.58 -7.40 -18.27
C ASN B 104 6.88 -6.28 -19.26
N LYS B 105 7.87 -6.52 -20.12
CA LYS B 105 8.30 -5.47 -21.04
C LYS B 105 7.24 -5.16 -22.09
N LYS B 106 6.32 -6.07 -22.36
CA LYS B 106 5.32 -5.87 -23.41
C LYS B 106 4.41 -4.68 -23.14
N TYR B 107 4.39 -4.18 -21.90
CA TYR B 107 3.61 -2.99 -21.55
C TYR B 107 4.47 -1.75 -21.41
N ARG B 108 5.77 -1.83 -21.69
CA ARG B 108 6.68 -0.71 -21.48
C ARG B 108 6.27 0.52 -22.28
N TYR B 109 5.54 0.36 -23.37
CA TYR B 109 5.12 1.46 -24.21
C TYR B 109 3.62 1.36 -24.47
N HIS B 110 2.90 2.44 -24.21
CA HIS B 110 1.45 2.45 -24.37
C HIS B 110 1.05 2.51 -25.84
N PRO B 113 -4.74 5.91 -26.21
CA PRO B 113 -6.20 5.87 -26.04
C PRO B 113 -6.79 4.51 -26.38
N PHE B 114 -6.06 3.44 -26.05
CA PHE B 114 -6.51 2.09 -26.33
C PHE B 114 -7.04 1.34 -25.12
N CYS B 115 -6.86 1.88 -23.91
CA CYS B 115 -7.39 1.27 -22.70
C CYS B 115 -8.74 1.85 -22.35
N LYS B 116 -9.52 1.05 -21.61
CA LYS B 116 -10.87 1.43 -21.26
C LYS B 116 -10.86 2.57 -20.24
N LYS B 117 -11.95 3.33 -20.22
CA LYS B 117 -12.05 4.48 -19.33
C LYS B 117 -11.91 4.03 -17.87
N ALA B 118 -11.14 4.80 -17.11
CA ALA B 118 -10.85 4.43 -15.73
C ALA B 118 -12.06 4.65 -14.83
N ASP B 119 -12.28 3.71 -13.91
CA ASP B 119 -13.30 3.88 -12.89
C ASP B 119 -12.95 5.07 -11.98
N PRO B 120 -13.92 5.62 -11.27
CA PRO B 120 -13.62 6.64 -10.28
C PRO B 120 -12.71 6.13 -9.18
N CYS B 121 -11.83 7.01 -8.70
CA CYS B 121 -10.92 6.66 -7.61
C CYS B 121 -11.71 6.34 -6.34
CAA 85O C . -6.67 1.42 10.57
CAB 85O C . -7.03 0.08 10.71
CAC 85O C . -7.88 -0.54 9.80
CAD 85O C . -8.36 0.21 8.73
CAE 85O C . -7.99 1.54 8.59
CAF 85O C . -7.15 2.16 9.49
CAH 85O C . -7.35 -2.71 10.74
CAI 85O C . -8.61 1.99 7.44
CAJ 85O C . -9.35 0.94 6.95
CAL 85O C . -9.80 -1.46 7.47
CAM 85O C . -8.60 3.36 6.79
CAN 85O C . -9.31 3.30 5.42
CAP 85O C . -10.15 1.05 5.70
CAQ 85O C . -11.29 2.57 4.21
CAR 85O C . -9.29 0.55 4.53
CAS 85O C . -10.38 2.13 3.10
CAT 85O C . -9.04 1.69 3.55
CAU 85O C . -8.41 2.87 4.26
CAV 85O C . -8.28 4.01 3.27
CAY 85O C . -7.82 4.72 0.93
CAZ 85O C . -11.46 2.92 6.52
CBA 85O C . -6.98 2.51 4.67
CBC 85O C . -10.76 2.16 1.82
CBD 85O C . -9.84 1.71 0.71
NAK 85O C . -9.18 -0.15 7.72
NAO 85O C . -10.53 2.47 5.48
OAG 85O C . -8.21 -1.85 9.99
OAW 85O C . -8.73 5.10 3.55
OAX 85O C . -7.58 3.82 2.01
OBB 85O C . -6.20 3.71 4.79
#